data_5V39
#
_entry.id   5V39
#
_cell.length_a   44.000
_cell.length_b   52.670
_cell.length_c   105.880
_cell.angle_alpha   90.00
_cell.angle_beta   90.00
_cell.angle_gamma   90.00
#
_symmetry.space_group_name_H-M   'P 21 21 21'
#
loop_
_entity.id
_entity.type
_entity.pdbx_description
1 polymer 'Vitamin D3 receptor'
2 non-polymer 5-(3-{4-[(2S)-2-hydroxy-3,3-dimethylbutoxy]-3-methylphenyl}pentan-3-yl)-3-methyl-N-(1H-tetrazol-5-yl)thiophene-2-carboxamide
3 water water
#
_entity_poly.entity_id   1
_entity_poly.type   'polypeptide(L)'
_entity_poly.pdbx_seq_one_letter_code
;SLRPKLSEEQQRIIAILLDAHHKTYDPTYSDFCQFRPPVRVNDGGGSVTLELLQLSMLPHLADLVSYSIQKVIGFAKMIP
GFRDLTSEDQIVLLKSSAIEVIMLRSNESFTMDDMSWTCGNQDYKYRVSDVTKAGHSLELIEPLIKFQVGLKKLNLHEEE
HVLLMAICIVSPDRPGVQDAALIEAIQDRLSNTLQTYIRCRHPPPGSHLLYAKMIQKLADLRSLNEEHSKQYRCLSFQPE
CSMKLTPLVLEVFGNEG
;
_entity_poly.pdbx_strand_id   A
#
# COMPACT_ATOMS: atom_id res chain seq x y z
N PRO A 4 20.53 15.23 18.49
CA PRO A 4 19.13 15.54 18.85
C PRO A 4 18.54 14.51 19.82
N LYS A 5 17.24 14.64 20.13
CA LYS A 5 16.54 13.73 21.05
C LYS A 5 15.06 13.59 20.71
N LEU A 6 14.53 12.36 20.81
CA LEU A 6 13.11 12.11 20.58
C LEU A 6 12.37 12.55 21.84
N SER A 7 11.36 13.44 21.70
CA SER A 7 10.58 13.86 22.86
C SER A 7 9.66 12.72 23.35
N GLU A 8 9.04 12.86 24.53
CA GLU A 8 8.11 11.84 25.06
C GLU A 8 6.89 11.68 24.14
N GLU A 9 6.38 12.78 23.55
CA GLU A 9 5.26 12.77 22.62
C GLU A 9 5.60 11.97 21.33
N GLN A 10 6.80 12.20 20.76
CA GLN A 10 7.30 11.54 19.56
C GLN A 10 7.44 10.03 19.77
N GLN A 11 7.98 9.61 20.93
CA GLN A 11 8.12 8.21 21.35
C GLN A 11 6.74 7.56 21.54
N ARG A 12 5.73 8.32 22.05
CA ARG A 12 4.34 7.87 22.21
C ARG A 12 3.71 7.61 20.84
N ILE A 13 3.89 8.55 19.89
CA ILE A 13 3.43 8.46 18.50
C ILE A 13 3.99 7.19 17.85
N ILE A 14 5.30 6.94 17.99
CA ILE A 14 5.99 5.76 17.46
C ILE A 14 5.42 4.48 18.08
N ALA A 15 5.25 4.47 19.42
CA ALA A 15 4.71 3.33 20.15
C ALA A 15 3.27 3.00 19.67
N ILE A 16 2.44 4.04 19.45
CA ILE A 16 1.05 3.89 18.97
C ILE A 16 1.05 3.30 17.56
N LEU A 17 1.89 3.85 16.68
CA LEU A 17 1.95 3.36 15.30
C LEU A 17 2.48 1.91 15.17
N LEU A 18 3.48 1.53 15.99
CA LEU A 18 4.03 0.18 15.96
C LEU A 18 2.95 -0.79 16.40
N ASP A 19 2.22 -0.43 17.47
CA ASP A 19 1.11 -1.20 18.02
C ASP A 19 -0.02 -1.31 17.00
N ALA A 20 -0.33 -0.23 16.30
CA ALA A 20 -1.37 -0.21 15.26
C ALA A 20 -0.96 -1.19 14.14
N HIS A 21 0.33 -1.22 13.76
CA HIS A 21 0.84 -2.12 12.73
C HIS A 21 0.74 -3.56 13.17
N HIS A 22 1.19 -3.88 14.40
CA HIS A 22 1.16 -5.25 14.96
C HIS A 22 -0.26 -5.78 15.00
N LYS A 23 -1.24 -4.90 15.22
CA LYS A 23 -2.67 -5.24 15.27
C LYS A 23 -3.33 -5.33 13.90
N THR A 24 -2.67 -4.82 12.82
CA THR A 24 -3.28 -4.77 11.46
C THR A 24 -2.46 -5.46 10.36
N TYR A 25 -1.42 -6.18 10.75
CA TYR A 25 -0.59 -6.90 9.79
C TYR A 25 -0.26 -8.25 10.34
N ASP A 26 -0.63 -9.30 9.62
CA ASP A 26 -0.39 -10.68 10.02
C ASP A 26 0.81 -11.19 9.21
N PRO A 27 1.99 -11.35 9.88
CA PRO A 27 3.19 -11.84 9.15
C PRO A 27 3.17 -13.33 8.77
N THR A 28 2.11 -14.08 9.16
CA THR A 28 1.95 -15.50 8.85
C THR A 28 0.93 -15.72 7.70
N TYR A 29 0.23 -14.64 7.29
CA TYR A 29 -0.75 -14.65 6.18
C TYR A 29 -1.82 -15.74 6.36
N SER A 30 -2.24 -15.99 7.62
CA SER A 30 -3.17 -17.05 8.00
C SER A 30 -4.58 -16.94 7.42
N ASP A 31 -5.01 -15.74 6.96
CA ASP A 31 -6.34 -15.51 6.39
C ASP A 31 -6.43 -15.72 4.87
N PHE A 32 -5.28 -15.82 4.19
CA PHE A 32 -5.18 -15.93 2.73
C PHE A 32 -5.91 -17.16 2.14
N CYS A 33 -6.02 -18.26 2.92
CA CYS A 33 -6.74 -19.48 2.51
C CYS A 33 -8.28 -19.24 2.45
N GLN A 34 -8.78 -18.20 3.12
CA GLN A 34 -10.21 -17.83 3.12
C GLN A 34 -10.59 -17.05 1.86
N PHE A 35 -9.60 -16.50 1.13
CA PHE A 35 -9.92 -15.74 -0.08
C PHE A 35 -10.33 -16.74 -1.18
N ARG A 36 -11.08 -16.28 -2.22
CA ARG A 36 -11.39 -17.11 -3.37
C ARG A 36 -10.06 -17.62 -3.93
N PRO A 37 -9.97 -18.89 -4.37
CA PRO A 37 -8.67 -19.44 -4.72
C PRO A 37 -7.96 -18.84 -5.94
N PRO A 38 -6.60 -18.79 -5.88
CA PRO A 38 -5.84 -18.33 -7.05
C PRO A 38 -6.00 -19.35 -8.17
N VAL A 39 -6.16 -18.88 -9.42
CA VAL A 39 -6.28 -19.73 -10.60
C VAL A 39 -5.22 -19.26 -11.61
N ARG A 40 -4.37 -20.19 -12.06
CA ARG A 40 -3.32 -19.93 -13.06
C ARG A 40 -3.49 -20.96 -14.19
N VAL A 41 -3.99 -20.51 -15.37
CA VAL A 41 -4.24 -21.36 -16.54
C VAL A 41 -3.41 -20.91 -17.76
N ASN A 42 -3.48 -21.69 -18.86
CA ASN A 42 -2.81 -21.38 -20.13
C ASN A 42 -3.42 -20.09 -20.72
N ASP A 43 -2.57 -19.12 -21.07
CA ASP A 43 -2.99 -17.82 -21.59
C ASP A 43 -2.12 -17.30 -22.74
N GLY A 44 -1.48 -18.21 -23.48
CA GLY A 44 -0.62 -17.90 -24.62
C GLY A 44 0.58 -17.05 -24.29
N GLY A 45 1.23 -17.35 -23.17
CA GLY A 45 2.41 -16.64 -22.71
C GLY A 45 2.16 -15.20 -22.28
N GLY A 46 1.01 -14.98 -21.64
CA GLY A 46 0.64 -13.65 -21.15
C GLY A 46 -0.01 -12.77 -22.20
N SER A 47 -0.91 -13.35 -23.00
CA SER A 47 -1.63 -12.61 -24.02
C SER A 47 -2.72 -11.74 -23.35
N VAL A 48 -2.72 -10.43 -23.64
CA VAL A 48 -3.69 -9.44 -23.13
C VAL A 48 -5.14 -9.91 -23.37
N THR A 49 -5.44 -10.38 -24.58
CA THR A 49 -6.73 -10.90 -25.02
C THR A 49 -7.20 -12.05 -24.11
N LEU A 50 -6.35 -13.08 -23.89
CA LEU A 50 -6.75 -14.23 -23.07
C LEU A 50 -6.78 -13.90 -21.61
N GLU A 51 -5.93 -12.93 -21.17
CA GLU A 51 -5.93 -12.47 -19.78
C GLU A 51 -7.24 -11.75 -19.49
N LEU A 52 -7.76 -10.95 -20.43
CA LEU A 52 -9.06 -10.25 -20.22
C LEU A 52 -10.26 -11.23 -20.33
N LEU A 53 -10.15 -12.26 -21.19
CA LEU A 53 -11.17 -13.30 -21.36
C LEU A 53 -11.28 -14.12 -20.06
N GLN A 54 -10.13 -14.47 -19.44
CA GLN A 54 -10.07 -15.31 -18.25
C GLN A 54 -10.13 -14.58 -16.92
N LEU A 55 -9.29 -13.54 -16.72
CA LEU A 55 -9.16 -12.77 -15.47
C LEU A 55 -9.11 -13.75 -14.27
N SER A 56 -8.36 -14.85 -14.47
CA SER A 56 -8.25 -16.01 -13.58
C SER A 56 -7.74 -15.67 -12.18
N MET A 57 -6.84 -14.69 -12.07
CA MET A 57 -6.28 -14.24 -10.80
C MET A 57 -7.07 -13.07 -10.19
N LEU A 58 -8.09 -12.54 -10.91
CA LEU A 58 -8.85 -11.38 -10.42
C LEU A 58 -9.67 -11.64 -9.14
N PRO A 59 -10.45 -12.74 -8.97
CA PRO A 59 -11.20 -12.92 -7.70
C PRO A 59 -10.27 -13.06 -6.48
N HIS A 60 -9.16 -13.83 -6.61
CA HIS A 60 -8.18 -13.97 -5.51
C HIS A 60 -7.51 -12.63 -5.11
N LEU A 61 -6.95 -11.88 -6.09
CA LEU A 61 -6.26 -10.60 -5.84
C LEU A 61 -7.21 -9.48 -5.42
N ALA A 62 -8.48 -9.52 -5.87
CA ALA A 62 -9.49 -8.55 -5.44
C ALA A 62 -9.82 -8.80 -3.98
N ASP A 63 -9.90 -10.07 -3.57
CA ASP A 63 -10.12 -10.46 -2.17
C ASP A 63 -8.93 -10.03 -1.30
N LEU A 64 -7.70 -10.20 -1.82
CA LEU A 64 -6.47 -9.81 -1.12
C LEU A 64 -6.41 -8.28 -0.88
N VAL A 65 -6.65 -7.48 -1.93
CA VAL A 65 -6.68 -6.01 -1.88
C VAL A 65 -7.80 -5.52 -0.95
N SER A 66 -8.98 -6.15 -1.00
CA SER A 66 -10.15 -5.81 -0.17
C SER A 66 -9.80 -6.06 1.31
N TYR A 67 -9.21 -7.23 1.62
CA TYR A 67 -8.72 -7.58 2.98
C TYR A 67 -7.72 -6.51 3.44
N SER A 68 -6.79 -6.15 2.54
CA SER A 68 -5.74 -5.17 2.79
C SER A 68 -6.28 -3.76 3.03
N ILE A 69 -7.31 -3.31 2.25
CA ILE A 69 -7.99 -2.03 2.50
C ILE A 69 -8.61 -2.04 3.92
N GLN A 70 -9.20 -3.19 4.34
CA GLN A 70 -9.78 -3.31 5.68
C GLN A 70 -8.74 -3.05 6.76
N LYS A 71 -7.54 -3.63 6.58
CA LYS A 71 -6.40 -3.47 7.49
C LYS A 71 -5.91 -2.02 7.51
N VAL A 72 -5.84 -1.37 6.32
CA VAL A 72 -5.46 0.06 6.16
C VAL A 72 -6.45 0.95 6.93
N ILE A 73 -7.77 0.68 6.78
CA ILE A 73 -8.82 1.40 7.50
C ILE A 73 -8.57 1.27 9.02
N GLY A 74 -8.34 0.04 9.49
CA GLY A 74 -8.03 -0.25 10.89
C GLY A 74 -6.77 0.46 11.36
N PHE A 75 -5.70 0.49 10.52
CA PHE A 75 -4.46 1.20 10.87
C PHE A 75 -4.74 2.70 11.00
N ALA A 76 -5.39 3.30 9.97
CA ALA A 76 -5.71 4.73 9.89
C ALA A 76 -6.48 5.21 11.11
N LYS A 77 -7.47 4.42 11.59
CA LYS A 77 -8.28 4.72 12.75
C LYS A 77 -7.42 4.91 14.01
N MET A 78 -6.25 4.26 14.05
CA MET A 78 -5.33 4.34 15.18
C MET A 78 -4.28 5.42 15.03
N ILE A 79 -4.21 6.11 13.85
CA ILE A 79 -3.23 7.18 13.66
C ILE A 79 -3.55 8.37 14.62
N PRO A 80 -2.62 8.81 15.50
CA PRO A 80 -2.92 9.97 16.38
C PRO A 80 -3.39 11.18 15.58
N GLY A 81 -4.61 11.63 15.89
CA GLY A 81 -5.26 12.76 15.23
C GLY A 81 -6.23 12.43 14.11
N PHE A 82 -6.20 11.20 13.55
CA PHE A 82 -7.09 10.83 12.43
C PHE A 82 -8.59 10.87 12.77
N ARG A 83 -8.94 10.53 14.01
CA ARG A 83 -10.34 10.52 14.46
C ARG A 83 -10.87 11.93 14.78
N ASP A 84 -9.97 12.97 14.76
CA ASP A 84 -10.36 14.37 14.97
C ASP A 84 -10.78 15.02 13.62
N LEU A 85 -10.66 14.27 12.51
CA LEU A 85 -11.07 14.76 11.20
C LEU A 85 -12.55 14.47 10.97
N THR A 86 -13.19 15.19 10.03
CA THR A 86 -14.59 14.94 9.67
C THR A 86 -14.65 13.63 8.89
N SER A 87 -15.85 13.02 8.81
CA SER A 87 -16.04 11.78 8.06
C SER A 87 -15.79 11.98 6.56
N GLU A 88 -16.03 13.19 6.06
CA GLU A 88 -15.75 13.60 4.67
C GLU A 88 -14.22 13.58 4.40
N ASP A 89 -13.39 14.11 5.32
CA ASP A 89 -11.93 14.12 5.16
C ASP A 89 -11.34 12.73 5.32
N GLN A 90 -11.91 11.92 6.22
CA GLN A 90 -11.49 10.54 6.44
C GLN A 90 -11.69 9.70 5.17
N ILE A 91 -12.87 9.83 4.54
CA ILE A 91 -13.18 9.09 3.31
C ILE A 91 -12.24 9.50 2.17
N VAL A 92 -12.01 10.82 1.99
CA VAL A 92 -11.14 11.34 0.93
C VAL A 92 -9.72 10.79 1.11
N LEU A 93 -9.15 10.89 2.32
CA LEU A 93 -7.79 10.39 2.63
C LEU A 93 -7.67 8.89 2.47
N LEU A 94 -8.67 8.14 2.95
CA LEU A 94 -8.68 6.68 2.81
C LEU A 94 -8.77 6.23 1.37
N LYS A 95 -9.74 6.79 0.61
CA LYS A 95 -9.90 6.41 -0.79
C LYS A 95 -8.68 6.80 -1.64
N SER A 96 -8.14 8.02 -1.45
CA SER A 96 -7.02 8.47 -2.27
C SER A 96 -5.68 7.77 -1.97
N SER A 97 -5.45 7.32 -0.72
CA SER A 97 -4.21 6.66 -0.35
C SER A 97 -4.19 5.12 -0.34
N ALA A 98 -5.39 4.48 -0.33
CA ALA A 98 -5.55 3.02 -0.21
C ALA A 98 -4.55 2.18 -1.02
N ILE A 99 -4.43 2.40 -2.35
CA ILE A 99 -3.53 1.60 -3.18
C ILE A 99 -2.04 1.86 -2.84
N GLU A 100 -1.69 3.10 -2.43
CA GLU A 100 -0.33 3.47 -2.06
C GLU A 100 0.07 2.76 -0.75
N VAL A 101 -0.85 2.72 0.23
CA VAL A 101 -0.57 2.06 1.51
C VAL A 101 -0.42 0.57 1.27
N ILE A 102 -1.26 0.00 0.39
CA ILE A 102 -1.19 -1.42 0.02
C ILE A 102 0.19 -1.71 -0.59
N MET A 103 0.68 -0.83 -1.48
CA MET A 103 2.01 -1.01 -2.05
C MET A 103 3.09 -1.01 -0.97
N LEU A 104 2.99 -0.07 0.04
CA LEU A 104 3.94 -0.02 1.17
C LEU A 104 3.88 -1.28 2.04
N ARG A 105 2.66 -1.69 2.44
CA ARG A 105 2.38 -2.87 3.25
C ARG A 105 2.95 -4.14 2.63
N SER A 106 2.77 -4.31 1.29
CA SER A 106 3.19 -5.49 0.54
C SER A 106 4.70 -5.70 0.53
N ASN A 107 5.48 -4.62 0.78
CA ASN A 107 6.95 -4.68 0.78
C ASN A 107 7.51 -5.66 1.83
N GLU A 108 6.81 -5.85 2.96
CA GLU A 108 7.19 -6.80 4.03
C GLU A 108 7.22 -8.25 3.48
N SER A 109 6.32 -8.58 2.56
CA SER A 109 6.30 -9.93 1.98
C SER A 109 7.15 -10.01 0.71
N PHE A 110 7.54 -8.86 0.16
CA PHE A 110 8.34 -8.83 -1.07
C PHE A 110 9.75 -9.37 -0.83
N THR A 111 10.26 -10.15 -1.76
CA THR A 111 11.59 -10.73 -1.66
C THR A 111 12.39 -10.46 -2.91
N MET A 112 13.66 -10.07 -2.73
CA MET A 112 14.54 -9.80 -3.84
C MET A 112 15.23 -11.04 -4.35
N ASP A 113 15.08 -12.17 -3.63
CA ASP A 113 15.61 -13.47 -4.04
C ASP A 113 15.12 -13.81 -5.47
N ASP A 114 13.82 -13.60 -5.74
CA ASP A 114 13.20 -13.92 -7.03
C ASP A 114 12.14 -12.90 -7.50
N MET A 115 12.11 -11.69 -6.88
CA MET A 115 11.20 -10.59 -7.23
C MET A 115 9.73 -11.02 -7.15
N SER A 116 9.33 -11.48 -5.99
CA SER A 116 7.98 -11.94 -5.76
C SER A 116 7.49 -11.53 -4.37
N TRP A 117 6.19 -11.61 -4.15
CA TRP A 117 5.60 -11.39 -2.84
C TRP A 117 5.28 -12.78 -2.33
N THR A 118 6.04 -13.24 -1.34
CA THR A 118 5.89 -14.61 -0.80
C THR A 118 5.11 -14.56 0.49
N CYS A 119 3.84 -14.97 0.42
CA CYS A 119 2.89 -14.95 1.53
C CYS A 119 2.56 -16.36 2.02
N GLY A 120 3.61 -17.15 2.20
CA GLY A 120 3.53 -18.54 2.64
C GLY A 120 3.73 -19.51 1.49
N ASN A 121 2.80 -20.46 1.36
CA ASN A 121 2.76 -21.51 0.32
C ASN A 121 3.00 -20.96 -1.09
N GLN A 122 3.53 -21.80 -2.01
CA GLN A 122 3.76 -21.41 -3.40
C GLN A 122 2.46 -20.99 -4.12
N ASP A 123 1.28 -21.29 -3.51
CA ASP A 123 -0.02 -20.88 -4.04
C ASP A 123 -0.17 -19.39 -3.77
N TYR A 124 0.35 -18.93 -2.61
CA TYR A 124 0.34 -17.53 -2.19
C TYR A 124 1.71 -16.85 -2.44
N LYS A 125 2.33 -17.18 -3.58
CA LYS A 125 3.59 -16.58 -4.04
C LYS A 125 3.20 -15.82 -5.30
N TYR A 126 3.23 -14.48 -5.23
CA TYR A 126 2.81 -13.62 -6.33
C TYR A 126 3.94 -13.00 -7.09
N ARG A 127 3.84 -13.06 -8.42
CA ARG A 127 4.82 -12.54 -9.36
C ARG A 127 4.13 -11.63 -10.41
N VAL A 128 4.93 -11.00 -11.29
CA VAL A 128 4.47 -10.14 -12.41
C VAL A 128 3.32 -10.82 -13.16
N SER A 129 3.53 -12.10 -13.54
CA SER A 129 2.56 -12.94 -14.25
C SER A 129 1.19 -12.97 -13.57
N ASP A 130 1.14 -13.05 -12.22
CA ASP A 130 -0.12 -13.07 -11.47
C ASP A 130 -0.92 -11.77 -11.59
N VAL A 131 -0.22 -10.62 -11.57
CA VAL A 131 -0.83 -9.29 -11.67
C VAL A 131 -1.41 -9.09 -13.09
N THR A 132 -0.71 -9.60 -14.13
CA THR A 132 -1.17 -9.54 -15.52
C THR A 132 -2.37 -10.49 -15.72
N LYS A 133 -2.41 -11.57 -14.95
CA LYS A 133 -3.53 -12.52 -14.96
C LYS A 133 -4.77 -11.93 -14.28
N ALA A 134 -4.62 -10.79 -13.58
CA ALA A 134 -5.73 -10.05 -12.98
C ALA A 134 -6.18 -8.91 -13.93
N GLY A 135 -5.54 -8.80 -15.09
CA GLY A 135 -5.86 -7.80 -16.12
C GLY A 135 -4.94 -6.59 -16.25
N HIS A 136 -3.90 -6.49 -15.41
CA HIS A 136 -2.98 -5.34 -15.51
C HIS A 136 -1.92 -5.53 -16.57
N SER A 137 -1.32 -4.42 -17.05
CA SER A 137 -0.26 -4.44 -18.07
C SER A 137 1.09 -4.08 -17.44
N LEU A 138 2.19 -4.21 -18.21
CA LEU A 138 3.56 -3.95 -17.75
C LEU A 138 3.82 -2.47 -17.39
N GLU A 139 3.03 -1.53 -17.94
CA GLU A 139 3.11 -0.10 -17.63
C GLU A 139 2.88 0.16 -16.15
N LEU A 140 2.18 -0.76 -15.47
CA LEU A 140 2.01 -0.62 -14.02
C LEU A 140 2.96 -1.54 -13.25
N ILE A 141 3.01 -2.84 -13.62
CA ILE A 141 3.76 -3.84 -12.87
C ILE A 141 5.29 -3.68 -13.01
N GLU A 142 5.82 -3.19 -14.14
CA GLU A 142 7.27 -2.93 -14.25
C GLU A 142 7.73 -1.84 -13.23
N PRO A 143 7.18 -0.60 -13.20
CA PRO A 143 7.64 0.36 -12.17
C PRO A 143 7.24 -0.04 -10.75
N LEU A 144 6.23 -0.94 -10.60
CA LEU A 144 5.82 -1.40 -9.26
C LEU A 144 6.95 -2.25 -8.68
N ILE A 145 7.52 -3.16 -9.49
CA ILE A 145 8.64 -4.02 -9.11
C ILE A 145 9.87 -3.14 -8.79
N LYS A 146 10.10 -2.10 -9.62
CA LYS A 146 11.21 -1.15 -9.45
C LYS A 146 11.06 -0.43 -8.11
N PHE A 147 9.82 -0.06 -7.74
CA PHE A 147 9.51 0.59 -6.48
C PHE A 147 9.76 -0.34 -5.30
N GLN A 148 9.34 -1.61 -5.40
CA GLN A 148 9.47 -2.63 -4.35
C GLN A 148 10.96 -2.87 -3.99
N VAL A 149 11.82 -3.01 -5.02
CA VAL A 149 13.27 -3.17 -4.89
C VAL A 149 13.86 -1.92 -4.22
N GLY A 150 13.54 -0.74 -4.76
CA GLY A 150 13.99 0.54 -4.23
C GLY A 150 13.67 0.70 -2.75
N LEU A 151 12.42 0.37 -2.36
CA LEU A 151 11.98 0.42 -0.96
C LEU A 151 12.67 -0.65 -0.10
N LYS A 152 12.84 -1.87 -0.63
CA LYS A 152 13.51 -2.95 0.09
C LYS A 152 14.99 -2.58 0.42
N LYS A 153 15.68 -1.94 -0.54
CA LYS A 153 17.09 -1.54 -0.38
C LYS A 153 17.28 -0.45 0.67
N LEU A 154 16.21 0.26 1.06
CA LEU A 154 16.24 1.26 2.14
C LEU A 154 16.43 0.60 3.51
N ASN A 155 16.08 -0.70 3.66
CA ASN A 155 16.20 -1.48 4.91
C ASN A 155 15.66 -0.69 6.10
N LEU A 156 14.43 -0.17 5.92
CA LEU A 156 13.77 0.66 6.92
C LEU A 156 13.59 -0.07 8.21
N HIS A 157 13.69 0.65 9.33
CA HIS A 157 13.37 0.09 10.64
C HIS A 157 11.82 0.03 10.63
N GLU A 158 11.23 -0.86 11.41
CA GLU A 158 9.78 -0.95 11.51
C GLU A 158 9.17 0.41 11.90
N GLU A 159 9.88 1.18 12.77
CA GLU A 159 9.45 2.50 13.19
C GLU A 159 9.34 3.43 11.99
N GLU A 160 10.26 3.33 11.03
CA GLU A 160 10.26 4.21 9.85
C GLU A 160 9.17 3.78 8.86
N HIS A 161 8.91 2.48 8.82
CA HIS A 161 7.95 1.84 7.92
C HIS A 161 6.53 2.28 8.29
N VAL A 162 6.20 2.30 9.59
CA VAL A 162 4.87 2.68 10.10
C VAL A 162 4.63 4.17 9.95
N LEU A 163 5.69 4.98 10.19
CA LEU A 163 5.64 6.43 10.07
C LEU A 163 5.41 6.83 8.62
N LEU A 164 6.04 6.11 7.66
CA LEU A 164 5.89 6.36 6.21
C LEU A 164 4.45 6.07 5.73
N MET A 165 3.85 4.95 6.18
CA MET A 165 2.46 4.60 5.88
C MET A 165 1.53 5.64 6.49
N ALA A 166 1.79 6.04 7.74
CA ALA A 166 0.97 7.06 8.41
C ALA A 166 1.07 8.42 7.67
N ILE A 167 2.29 8.83 7.23
CA ILE A 167 2.49 10.10 6.50
C ILE A 167 1.74 10.07 5.16
N CYS A 168 1.79 8.92 4.48
CA CYS A 168 1.11 8.64 3.21
C CYS A 168 -0.41 8.92 3.33
N ILE A 169 -1.06 8.34 4.35
CA ILE A 169 -2.50 8.48 4.58
C ILE A 169 -2.91 9.91 4.89
N VAL A 170 -2.20 10.54 5.84
CA VAL A 170 -2.54 11.89 6.31
C VAL A 170 -1.85 12.93 5.43
N SER A 171 -2.22 13.02 4.14
CA SER A 171 -1.59 13.99 3.22
C SER A 171 -2.58 15.12 2.94
N PRO A 172 -2.18 16.38 3.23
CA PRO A 172 -3.13 17.51 3.02
C PRO A 172 -3.33 17.85 1.55
N ASP A 173 -2.40 17.43 0.65
CA ASP A 173 -2.43 17.73 -0.77
C ASP A 173 -3.30 16.79 -1.63
N ARG A 174 -4.20 16.00 -1.02
CA ARG A 174 -5.09 15.10 -1.76
C ARG A 174 -6.25 15.87 -2.39
N PRO A 175 -6.66 15.59 -3.64
CA PRO A 175 -7.82 16.31 -4.22
C PRO A 175 -9.11 16.02 -3.41
N GLY A 176 -9.87 17.08 -3.14
CA GLY A 176 -11.11 17.02 -2.39
C GLY A 176 -11.04 17.28 -0.89
N VAL A 177 -9.82 17.43 -0.29
CA VAL A 177 -9.76 17.66 1.16
C VAL A 177 -10.29 19.06 1.51
N GLN A 178 -11.02 19.17 2.62
CA GLN A 178 -11.63 20.40 3.11
C GLN A 178 -10.74 21.06 4.16
N ASP A 179 -10.42 20.35 5.25
CA ASP A 179 -9.58 20.91 6.30
C ASP A 179 -8.10 20.58 6.07
N ALA A 180 -7.50 21.24 5.07
CA ALA A 180 -6.09 21.04 4.71
C ALA A 180 -5.14 21.42 5.87
N ALA A 181 -5.50 22.46 6.64
CA ALA A 181 -4.70 22.97 7.76
C ALA A 181 -4.58 21.97 8.89
N LEU A 182 -5.68 21.32 9.28
CA LEU A 182 -5.67 20.31 10.33
C LEU A 182 -4.91 19.05 9.89
N ILE A 183 -5.04 18.63 8.62
CA ILE A 183 -4.32 17.47 8.05
C ILE A 183 -2.80 17.74 7.97
N GLU A 184 -2.41 18.98 7.59
CA GLU A 184 -1.02 19.41 7.52
C GLU A 184 -0.36 19.38 8.89
N ALA A 185 -1.05 19.89 9.92
CA ALA A 185 -0.55 19.86 11.30
C ALA A 185 -0.34 18.41 11.77
N ILE A 186 -1.22 17.47 11.38
CA ILE A 186 -1.06 16.05 11.79
C ILE A 186 0.17 15.46 11.08
N GLN A 187 0.26 15.63 9.76
CA GLN A 187 1.38 15.11 8.97
C GLN A 187 2.74 15.70 9.41
N ASP A 188 2.80 17.02 9.75
CA ASP A 188 4.01 17.69 10.22
C ASP A 188 4.49 17.06 11.52
N ARG A 189 3.56 16.71 12.44
CA ARG A 189 3.93 16.04 13.69
C ARG A 189 4.58 14.69 13.42
N LEU A 190 4.08 13.97 12.38
CA LEU A 190 4.53 12.61 11.97
C LEU A 190 5.85 12.69 11.23
N SER A 191 5.98 13.69 10.34
CA SER A 191 7.16 13.97 9.51
C SER A 191 8.32 14.46 10.40
N ASN A 192 8.02 15.27 11.43
CA ASN A 192 9.05 15.72 12.37
C ASN A 192 9.54 14.57 13.24
N THR A 193 8.63 13.68 13.67
CA THR A 193 8.92 12.48 14.45
C THR A 193 9.87 11.57 13.65
N LEU A 194 9.61 11.43 12.33
CA LEU A 194 10.41 10.61 11.43
C LEU A 194 11.83 11.16 11.22
N GLN A 195 11.96 12.45 10.87
CA GLN A 195 13.26 13.12 10.67
C GLN A 195 14.10 12.98 11.96
N THR A 196 13.48 13.21 13.14
CA THR A 196 14.15 13.11 14.44
C THR A 196 14.55 11.65 14.72
N TYR A 197 13.64 10.69 14.44
CA TYR A 197 13.92 9.26 14.64
C TYR A 197 15.17 8.85 13.87
N ILE A 198 15.25 9.22 12.57
CA ILE A 198 16.39 8.93 11.68
C ILE A 198 17.72 9.47 12.26
N ARG A 199 17.72 10.71 12.75
CA ARG A 199 18.92 11.36 13.32
C ARG A 199 19.41 10.66 14.62
N CYS A 200 18.46 10.24 15.48
CA CYS A 200 18.70 9.65 16.81
C CYS A 200 18.90 8.14 16.85
N ARG A 201 18.26 7.40 15.95
CA ARG A 201 18.25 5.94 16.02
C ARG A 201 18.74 5.20 14.82
N HIS A 202 18.85 5.88 13.66
CA HIS A 202 19.29 5.18 12.46
C HIS A 202 20.78 5.37 12.25
N PRO A 203 21.58 4.29 12.39
CA PRO A 203 23.04 4.46 12.23
C PRO A 203 23.52 4.60 10.79
N PRO A 204 24.69 5.25 10.54
CA PRO A 204 25.23 5.29 9.17
C PRO A 204 25.72 3.88 8.77
N PRO A 205 25.78 3.50 7.47
CA PRO A 205 25.51 4.30 6.26
C PRO A 205 24.04 4.49 5.94
N GLY A 206 23.20 3.51 6.31
CA GLY A 206 21.75 3.49 6.08
C GLY A 206 20.98 4.77 6.30
N SER A 207 21.43 5.62 7.25
CA SER A 207 20.81 6.90 7.59
C SER A 207 21.04 8.02 6.56
N HIS A 208 22.10 7.91 5.74
CA HIS A 208 22.50 8.93 4.77
C HIS A 208 21.39 9.29 3.80
N LEU A 209 20.89 10.55 3.93
CA LEU A 209 19.80 11.14 3.12
C LEU A 209 18.51 10.30 3.14
N LEU A 210 18.31 9.47 4.19
CA LEU A 210 17.16 8.56 4.31
C LEU A 210 15.81 9.28 4.29
N TYR A 211 15.70 10.43 4.97
CA TYR A 211 14.44 11.16 4.95
C TYR A 211 14.08 11.59 3.52
N ALA A 212 15.04 12.16 2.77
CA ALA A 212 14.84 12.58 1.38
C ALA A 212 14.48 11.37 0.48
N LYS A 213 15.07 10.21 0.74
CA LYS A 213 14.76 8.98 -0.02
C LYS A 213 13.34 8.48 0.27
N MET A 214 12.89 8.63 1.52
CA MET A 214 11.56 8.18 1.95
C MET A 214 10.46 9.03 1.32
N ILE A 215 10.67 10.36 1.31
CA ILE A 215 9.80 11.37 0.70
C ILE A 215 9.68 11.16 -0.80
N GLN A 216 10.79 10.79 -1.47
CA GLN A 216 10.82 10.46 -2.90
C GLN A 216 9.93 9.23 -3.19
N LYS A 217 9.93 8.23 -2.28
CA LYS A 217 9.06 7.04 -2.44
C LYS A 217 7.61 7.46 -2.38
N LEU A 218 7.28 8.52 -1.60
CA LEU A 218 5.92 9.04 -1.52
C LEU A 218 5.51 9.66 -2.84
N ALA A 219 6.44 10.37 -3.52
CA ALA A 219 6.20 10.96 -4.85
C ALA A 219 6.06 9.85 -5.87
N ASP A 220 6.91 8.78 -5.80
CA ASP A 220 6.81 7.62 -6.71
C ASP A 220 5.45 6.94 -6.57
N LEU A 221 4.90 6.88 -5.33
CA LEU A 221 3.61 6.26 -5.03
C LEU A 221 2.45 6.97 -5.69
N ARG A 222 2.53 8.32 -5.82
CA ARG A 222 1.49 9.12 -6.50
C ARG A 222 1.41 8.74 -7.98
N SER A 223 2.57 8.58 -8.63
CA SER A 223 2.64 8.21 -10.05
C SER A 223 2.08 6.79 -10.27
N LEU A 224 2.38 5.87 -9.34
CA LEU A 224 1.85 4.50 -9.37
C LEU A 224 0.34 4.48 -9.12
N ASN A 225 -0.16 5.42 -8.31
CA ASN A 225 -1.58 5.55 -8.01
C ASN A 225 -2.34 5.98 -9.29
N GLU A 226 -1.81 6.97 -10.03
CA GLU A 226 -2.42 7.48 -11.27
C GLU A 226 -2.43 6.39 -12.32
N GLU A 227 -1.31 5.64 -12.44
CA GLU A 227 -1.24 4.52 -13.38
C GLU A 227 -2.23 3.42 -12.99
N HIS A 228 -2.31 3.09 -11.69
CA HIS A 228 -3.24 2.04 -11.23
C HIS A 228 -4.68 2.45 -11.54
N SER A 229 -5.03 3.72 -11.28
CA SER A 229 -6.34 4.30 -11.50
C SER A 229 -6.75 4.20 -12.98
N LYS A 230 -5.79 4.40 -13.91
CA LYS A 230 -5.98 4.29 -15.39
C LYS A 230 -6.25 2.82 -15.81
N GLN A 231 -5.54 1.89 -15.19
CA GLN A 231 -5.60 0.46 -15.42
C GLN A 231 -6.89 -0.11 -14.86
N TYR A 232 -7.33 0.39 -13.70
CA TYR A 232 -8.59 -0.04 -13.10
C TYR A 232 -9.78 0.39 -14.03
N ARG A 233 -9.74 1.62 -14.58
CA ARG A 233 -10.78 2.10 -15.50
C ARG A 233 -10.88 1.19 -16.76
N CYS A 234 -9.72 0.77 -17.30
CA CYS A 234 -9.66 -0.12 -18.47
C CYS A 234 -10.21 -1.51 -18.12
N LEU A 235 -9.90 -1.99 -16.91
CA LEU A 235 -10.39 -3.27 -16.41
C LEU A 235 -11.93 -3.24 -16.21
N SER A 236 -12.48 -2.10 -15.73
CA SER A 236 -13.93 -1.93 -15.51
CA SER A 236 -13.92 -1.92 -15.51
C SER A 236 -14.72 -1.95 -16.85
N PHE A 237 -14.04 -1.79 -18.00
CA PHE A 237 -14.72 -1.83 -19.29
C PHE A 237 -14.96 -3.29 -19.67
N GLN A 238 -14.29 -4.22 -18.99
CA GLN A 238 -14.44 -5.64 -19.26
C GLN A 238 -15.79 -6.11 -18.69
N PRO A 239 -16.71 -6.58 -19.56
CA PRO A 239 -18.04 -7.02 -19.07
C PRO A 239 -17.96 -8.07 -17.97
N GLU A 240 -18.86 -7.95 -16.95
CA GLU A 240 -19.02 -8.88 -15.81
C GLU A 240 -17.80 -8.97 -14.88
N CYS A 241 -16.81 -8.08 -15.01
CA CYS A 241 -15.66 -8.14 -14.13
C CYS A 241 -15.96 -7.60 -12.72
N SER A 242 -17.03 -6.79 -12.54
CA SER A 242 -17.41 -6.24 -11.24
C SER A 242 -17.84 -7.35 -10.28
N MET A 243 -18.46 -8.41 -10.82
CA MET A 243 -18.89 -9.60 -10.08
C MET A 243 -17.68 -10.37 -9.55
N LYS A 244 -16.48 -10.10 -10.12
CA LYS A 244 -15.22 -10.70 -9.67
C LYS A 244 -14.53 -9.79 -8.62
N LEU A 245 -15.13 -8.62 -8.32
CA LEU A 245 -14.54 -7.69 -7.37
C LEU A 245 -15.25 -7.77 -6.02
N THR A 246 -15.18 -6.73 -5.19
CA THR A 246 -15.88 -6.71 -3.90
C THR A 246 -16.55 -5.36 -3.74
N PRO A 247 -17.60 -5.21 -2.90
CA PRO A 247 -18.18 -3.87 -2.70
C PRO A 247 -17.16 -2.85 -2.21
N LEU A 248 -16.19 -3.25 -1.37
CA LEU A 248 -15.19 -2.29 -0.88
C LEU A 248 -14.24 -1.83 -1.99
N VAL A 249 -13.81 -2.75 -2.86
CA VAL A 249 -12.93 -2.47 -3.99
C VAL A 249 -13.66 -1.56 -5.00
N LEU A 250 -14.97 -1.82 -5.25
CA LEU A 250 -15.80 -1.02 -6.16
C LEU A 250 -15.99 0.38 -5.66
N GLU A 251 -16.15 0.53 -4.36
CA GLU A 251 -16.29 1.85 -3.75
C GLU A 251 -14.98 2.62 -3.76
N VAL A 252 -13.88 1.99 -3.32
CA VAL A 252 -12.59 2.68 -3.22
C VAL A 252 -12.00 3.09 -4.60
N PHE A 253 -12.10 2.21 -5.61
CA PHE A 253 -11.49 2.48 -6.90
C PHE A 253 -12.45 2.99 -7.98
N GLY A 254 -13.77 2.87 -7.76
CA GLY A 254 -14.78 3.33 -8.71
C GLY A 254 -15.13 4.80 -8.55
#